data_7S44
#
_entry.id   7S44
#
_cell.length_a   103.731
_cell.length_b   103.731
_cell.length_c   103.731
_cell.angle_alpha   90.000
_cell.angle_beta   90.000
_cell.angle_gamma   90.000
#
_symmetry.space_group_name_H-M   'I 2 3'
#
loop_
_entity.id
_entity.type
_entity.pdbx_description
1 polymer N-acetyltransferase
2 non-polymer '(3R,4S,5R,6R)-4-amino-3,5-dihydroxy-6-methyloxan-2-yl][hydroxy-[[(2R,3S,5R)-3-hydroxy-5-(5-methyl-2,4-dioxopyrimidin-1-yl)oxolan-2-yl]methoxy]phosphoryl] hydrogen phosphate'
3 non-polymer 'OXIDIZED COENZYME A'
4 non-polymer 1,2-ETHANEDIOL
5 non-polymer 'SODIUM ION'
6 water water
#
_entity_poly.entity_id   1
_entity_poly.type   'polypeptide(L)'
_entity_poly.pdbx_seq_one_letter_code
;MHSSHHHHHHSSENLYFQGGGHMIHKLADVQSKNIGSGTRIWQFCVVLPSAIIGENCNICSHCFIENDVKIGNNVTIKCG
VQIWDGIEIEDDVFIGPNVTFTNDKYPRSKQYPKEFSKTIIKKGASIGANATILPGITIGENAMIGAGAIVTKDVLPHVT
YYSKI
;
_entity_poly.pdbx_strand_id   A
#
loop_
_chem_comp.id
_chem_comp.type
_chem_comp.name
_chem_comp.formula
CAO non-polymer 'OXIDIZED COENZYME A' 'C21 H36 N7 O17 P3 S'
EDO non-polymer 1,2-ETHANEDIOL 'C2 H6 O2'
NA non-polymer 'SODIUM ION' 'Na 1'
T3F non-polymer '(3R,4S,5R,6R)-4-amino-3,5-dihydroxy-6-methyloxan-2-yl][hydroxy-[[(2R,3S,5R)-3-hydroxy-5-(5-methyl-2,4-dioxopyrimidin-1-yl)oxolan-2-yl]methoxy]phosphoryl] hydrogen phosphate' 'C16 H27 N3 O14 P2'
#
# COMPACT_ATOMS: atom_id res chain seq x y z
N GLY A 21 14.78 17.06 2.99
CA GLY A 21 15.15 16.02 1.98
C GLY A 21 14.59 14.64 2.34
N HIS A 22 14.74 13.67 1.44
CA HIS A 22 14.32 12.26 1.64
C HIS A 22 15.50 11.36 1.31
N MET A 23 15.44 10.10 1.74
CA MET A 23 16.56 9.13 1.61
CA MET A 23 16.56 9.13 1.61
C MET A 23 16.10 8.03 0.65
N ILE A 24 16.73 7.96 -0.51
CA ILE A 24 16.50 6.85 -1.48
C ILE A 24 17.77 6.02 -1.48
N HIS A 25 17.67 4.75 -1.10
CA HIS A 25 18.83 3.85 -1.08
C HIS A 25 19.40 3.71 -2.49
N LYS A 26 20.73 3.70 -2.62
CA LYS A 26 21.39 3.48 -3.93
C LYS A 26 20.92 2.17 -4.58
N LEU A 27 20.47 1.18 -3.81
CA LEU A 27 20.03 -0.11 -4.38
C LEU A 27 18.52 -0.14 -4.63
N ALA A 28 17.84 1.00 -4.55
CA ALA A 28 16.42 1.15 -4.95
C ALA A 28 16.38 1.75 -6.36
N ASP A 29 15.31 1.48 -7.10
CA ASP A 29 14.97 2.11 -8.39
C ASP A 29 13.74 3.00 -8.17
N VAL A 30 13.95 4.25 -7.79
CA VAL A 30 12.85 5.20 -7.52
C VAL A 30 12.79 6.22 -8.65
N GLN A 31 11.70 6.18 -9.41
CA GLN A 31 11.53 7.01 -10.63
C GLN A 31 10.63 8.20 -10.32
N SER A 32 10.00 8.22 -9.17
CA SER A 32 9.06 9.29 -8.78
C SER A 32 9.84 10.44 -8.13
N LYS A 33 9.49 11.67 -8.47
CA LYS A 33 10.03 12.89 -7.81
C LYS A 33 9.07 13.31 -6.70
N ASN A 34 7.91 12.65 -6.58
CA ASN A 34 6.79 13.10 -5.72
C ASN A 34 6.94 12.45 -4.34
N ILE A 35 8.06 12.69 -3.65
CA ILE A 35 8.39 12.02 -2.36
CA ILE A 35 8.46 12.01 -2.38
C ILE A 35 8.65 13.08 -1.30
N GLY A 36 7.90 13.00 -0.22
CA GLY A 36 7.93 14.02 0.84
C GLY A 36 9.18 13.96 1.68
N SER A 37 9.47 15.07 2.36
CA SER A 37 10.59 15.20 3.32
CA SER A 37 10.61 15.18 3.30
CA SER A 37 10.60 15.19 3.31
C SER A 37 10.53 14.08 4.37
N GLY A 38 11.67 13.52 4.73
CA GLY A 38 11.78 12.56 5.85
C GLY A 38 11.46 11.14 5.44
N THR A 39 10.98 10.93 4.22
CA THR A 39 10.67 9.57 3.72
C THR A 39 11.97 8.81 3.45
N ARG A 40 11.97 7.52 3.81
CA ARG A 40 13.08 6.58 3.56
C ARG A 40 12.56 5.52 2.62
N ILE A 41 13.30 5.23 1.57
CA ILE A 41 12.98 4.12 0.64
C ILE A 41 14.20 3.22 0.55
N TRP A 42 14.02 1.96 0.92
CA TRP A 42 15.15 1.05 1.21
C TRP A 42 15.52 0.19 0.00
N GLN A 43 16.43 -0.76 0.22
CA GLN A 43 17.06 -1.54 -0.85
C GLN A 43 15.98 -2.25 -1.66
N PHE A 44 16.23 -2.39 -2.96
CA PHE A 44 15.50 -3.30 -3.86
C PHE A 44 14.03 -2.90 -3.89
N CYS A 45 13.73 -1.63 -3.69
CA CYS A 45 12.39 -1.10 -3.98
C CYS A 45 12.34 -0.63 -5.43
N VAL A 46 11.16 -0.72 -6.02
CA VAL A 46 10.80 -0.10 -7.32
C VAL A 46 9.67 0.89 -7.07
N VAL A 47 9.82 2.14 -7.49
CA VAL A 47 8.74 3.14 -7.41
C VAL A 47 8.61 3.80 -8.78
N LEU A 48 7.44 3.67 -9.41
CA LEU A 48 7.24 4.17 -10.78
C LEU A 48 6.89 5.66 -10.77
N PRO A 49 7.05 6.36 -11.91
CA PRO A 49 7.14 7.82 -11.89
C PRO A 49 5.98 8.58 -11.25
N SER A 50 4.74 8.11 -11.40
CA SER A 50 3.57 8.91 -10.95
C SER A 50 3.21 8.66 -9.48
N ALA A 51 3.87 7.72 -8.82
CA ALA A 51 3.59 7.45 -7.38
C ALA A 51 3.74 8.76 -6.60
N ILE A 52 2.81 8.98 -5.67
CA ILE A 52 2.91 10.11 -4.72
C ILE A 52 3.09 9.50 -3.33
N ILE A 53 4.13 9.94 -2.63
CA ILE A 53 4.45 9.45 -1.27
C ILE A 53 4.66 10.67 -0.39
N GLY A 54 4.00 10.70 0.76
CA GLY A 54 4.04 11.85 1.67
C GLY A 54 5.32 11.92 2.48
N GLU A 55 5.25 12.63 3.59
CA GLU A 55 6.41 12.93 4.45
C GLU A 55 6.59 11.82 5.51
N ASN A 56 7.83 11.54 5.88
CA ASN A 56 8.14 10.70 7.07
C ASN A 56 7.54 9.30 6.88
N CYS A 57 7.47 8.82 5.64
CA CYS A 57 7.15 7.40 5.36
C CYS A 57 8.39 6.53 5.50
N ASN A 58 8.18 5.25 5.75
CA ASN A 58 9.25 4.23 5.73
C ASN A 58 8.83 3.14 4.74
N ILE A 59 9.45 3.10 3.58
CA ILE A 59 9.18 2.07 2.54
C ILE A 59 10.34 1.08 2.66
N CYS A 60 10.08 -0.04 3.29
CA CYS A 60 11.12 -1.03 3.64
C CYS A 60 11.54 -1.82 2.38
N SER A 61 12.58 -2.61 2.53
CA SER A 61 13.21 -3.31 1.38
C SER A 61 12.17 -4.15 0.64
N HIS A 62 12.39 -4.34 -0.65
CA HIS A 62 11.69 -5.36 -1.48
C HIS A 62 10.23 -4.95 -1.75
N CYS A 63 9.93 -3.66 -1.77
CA CYS A 63 8.58 -3.18 -2.14
C CYS A 63 8.54 -2.77 -3.61
N PHE A 64 7.33 -2.80 -4.16
CA PHE A 64 7.00 -2.32 -5.51
C PHE A 64 5.84 -1.36 -5.39
N ILE A 65 5.97 -0.17 -5.99
N ILE A 65 6.00 -0.14 -5.92
CA ILE A 65 4.94 0.88 -5.93
CA ILE A 65 4.96 0.93 -5.92
C ILE A 65 4.70 1.39 -7.35
C ILE A 65 4.72 1.34 -7.37
N GLU A 66 3.47 1.21 -7.85
CA GLU A 66 3.12 1.50 -9.25
C GLU A 66 2.81 2.99 -9.42
N ASN A 67 2.13 3.35 -10.50
CA ASN A 67 1.99 4.75 -10.92
C ASN A 67 0.77 5.42 -10.28
N ASP A 68 -0.40 4.81 -10.40
CA ASP A 68 -1.68 5.39 -9.96
C ASP A 68 -1.85 5.07 -8.47
N VAL A 69 -0.96 5.65 -7.68
CA VAL A 69 -0.80 5.30 -6.26
C VAL A 69 -0.61 6.59 -5.48
N LYS A 70 -1.36 6.73 -4.39
CA LYS A 70 -1.22 7.86 -3.45
CA LYS A 70 -1.15 7.85 -3.46
C LYS A 70 -0.96 7.29 -2.05
N ILE A 71 0.13 7.70 -1.42
CA ILE A 71 0.50 7.30 -0.05
C ILE A 71 0.67 8.58 0.76
N GLY A 72 0.01 8.67 1.89
CA GLY A 72 0.00 9.87 2.74
C GLY A 72 1.27 10.02 3.56
N ASN A 73 1.15 10.71 4.69
CA ASN A 73 2.28 11.03 5.59
C ASN A 73 2.37 9.95 6.67
N ASN A 74 3.59 9.69 7.16
CA ASN A 74 3.81 8.89 8.38
C ASN A 74 3.33 7.46 8.12
N VAL A 75 3.44 7.01 6.88
CA VAL A 75 3.01 5.64 6.49
C VAL A 75 4.20 4.70 6.62
N THR A 76 3.99 3.55 7.27
CA THR A 76 4.98 2.47 7.35
C THR A 76 4.56 1.36 6.38
N ILE A 77 5.40 1.06 5.42
CA ILE A 77 5.20 -0.12 4.54
C ILE A 77 6.36 -1.08 4.80
N LYS A 78 6.09 -2.18 5.47
CA LYS A 78 7.15 -3.16 5.79
C LYS A 78 7.52 -3.91 4.53
N CYS A 79 8.51 -4.79 4.62
CA CYS A 79 9.16 -5.41 3.45
C CYS A 79 8.14 -6.18 2.61
N GLY A 80 8.39 -6.30 1.31
CA GLY A 80 7.75 -7.32 0.47
C GLY A 80 6.34 -6.94 0.03
N VAL A 81 5.98 -5.67 0.11
CA VAL A 81 4.62 -5.18 -0.22
C VAL A 81 4.64 -4.61 -1.64
N GLN A 82 3.61 -4.92 -2.43
CA GLN A 82 3.38 -4.23 -3.72
C GLN A 82 2.10 -3.41 -3.65
N ILE A 83 2.21 -2.13 -4.01
CA ILE A 83 1.07 -1.19 -4.05
C ILE A 83 0.77 -0.92 -5.53
N TRP A 84 -0.32 -1.50 -6.01
CA TRP A 84 -0.74 -1.46 -7.44
C TRP A 84 -1.41 -0.16 -7.78
N ASP A 85 -1.49 0.10 -9.06
CA ASP A 85 -2.42 1.10 -9.61
C ASP A 85 -3.80 0.90 -8.98
N GLY A 86 -4.40 2.01 -8.54
CA GLY A 86 -5.75 2.03 -7.98
C GLY A 86 -5.76 1.99 -6.45
N ILE A 87 -4.60 1.93 -5.82
CA ILE A 87 -4.52 1.79 -4.33
CA ILE A 87 -4.56 1.82 -4.34
C ILE A 87 -4.16 3.16 -3.72
N GLU A 88 -4.93 3.61 -2.73
CA GLU A 88 -4.61 4.80 -1.94
C GLU A 88 -4.41 4.38 -0.48
N ILE A 89 -3.36 4.91 0.11
CA ILE A 89 -3.05 4.69 1.55
C ILE A 89 -3.09 6.08 2.19
N GLU A 90 -3.90 6.23 3.21
CA GLU A 90 -4.01 7.54 3.89
C GLU A 90 -2.91 7.70 4.95
N ASP A 91 -2.96 8.79 5.69
CA ASP A 91 -1.89 9.09 6.66
C ASP A 91 -1.88 8.08 7.81
N ASP A 92 -0.68 7.86 8.36
CA ASP A 92 -0.49 7.15 9.66
C ASP A 92 -0.87 5.67 9.54
N VAL A 93 -0.98 5.15 8.32
CA VAL A 93 -1.26 3.70 8.09
C VAL A 93 -0.01 2.89 8.34
N PHE A 94 -0.20 1.70 8.89
CA PHE A 94 0.84 0.67 9.00
C PHE A 94 0.46 -0.49 8.08
N ILE A 95 1.36 -0.86 7.16
N ILE A 95 1.36 -0.87 7.18
CA ILE A 95 1.17 -2.06 6.30
CA ILE A 95 1.19 -2.04 6.29
C ILE A 95 2.25 -3.08 6.68
C ILE A 95 2.26 -3.08 6.67
N GLY A 96 1.82 -4.23 7.19
CA GLY A 96 2.74 -5.27 7.67
C GLY A 96 3.49 -5.91 6.52
N PRO A 97 4.55 -6.68 6.82
CA PRO A 97 5.36 -7.29 5.79
C PRO A 97 4.53 -8.29 4.97
N ASN A 98 4.75 -8.29 3.66
CA ASN A 98 4.19 -9.28 2.71
C ASN A 98 2.67 -9.14 2.61
N VAL A 99 2.11 -8.05 3.10
CA VAL A 99 0.69 -7.72 2.81
C VAL A 99 0.53 -7.64 1.29
N THR A 100 -0.51 -8.25 0.78
CA THR A 100 -0.77 -8.34 -0.68
C THR A 100 -2.06 -7.60 -0.99
N PHE A 101 -1.98 -6.66 -1.92
CA PHE A 101 -3.13 -5.92 -2.48
C PHE A 101 -3.47 -6.48 -3.85
N THR A 102 -4.66 -6.16 -4.33
CA THR A 102 -5.14 -6.63 -5.65
C THR A 102 -5.99 -5.54 -6.31
N ASN A 103 -6.10 -5.57 -7.64
CA ASN A 103 -6.89 -4.55 -8.36
C ASN A 103 -7.68 -5.15 -9.50
N ASP A 104 -7.77 -6.48 -9.57
CA ASP A 104 -8.44 -7.17 -10.69
C ASP A 104 -9.10 -8.42 -10.11
N LYS A 105 -10.43 -8.45 -10.07
CA LYS A 105 -11.17 -9.52 -9.36
C LYS A 105 -11.12 -10.85 -10.13
N TYR A 106 -11.02 -10.80 -11.47
CA TYR A 106 -11.10 -12.03 -12.31
C TYR A 106 -9.94 -12.01 -13.28
N PRO A 107 -8.70 -12.08 -12.76
CA PRO A 107 -7.52 -11.83 -13.59
C PRO A 107 -7.32 -12.95 -14.61
N ARG A 108 -7.05 -12.54 -15.85
CA ARG A 108 -6.67 -13.45 -16.95
C ARG A 108 -5.53 -12.80 -17.70
N SER A 109 -4.48 -13.55 -17.95
CA SER A 109 -3.25 -13.01 -18.56
C SER A 109 -3.60 -12.24 -19.84
N LYS A 110 -3.12 -11.00 -19.90
CA LYS A 110 -3.17 -10.10 -21.10
C LYS A 110 -4.59 -9.58 -21.33
N GLN A 111 -5.52 -9.83 -20.43
CA GLN A 111 -6.89 -9.25 -20.49
CA GLN A 111 -6.89 -9.25 -20.49
C GLN A 111 -6.93 -8.05 -19.55
N TYR A 112 -6.53 -6.88 -20.03
CA TYR A 112 -6.37 -5.67 -19.21
C TYR A 112 -7.75 -5.06 -18.95
N PRO A 113 -8.11 -4.85 -17.67
CA PRO A 113 -9.36 -4.17 -17.34
C PRO A 113 -9.35 -2.73 -17.91
N LYS A 114 -10.52 -2.24 -18.30
CA LYS A 114 -10.70 -0.83 -18.71
C LYS A 114 -10.39 0.07 -17.52
N GLU A 115 -10.74 -0.39 -16.32
CA GLU A 115 -10.49 0.37 -15.07
C GLU A 115 -10.06 -0.64 -14.00
N PHE A 116 -8.97 -0.34 -13.30
CA PHE A 116 -8.58 -1.13 -12.09
C PHE A 116 -9.57 -0.80 -10.96
N SER A 117 -9.88 -1.81 -10.14
N SER A 117 -9.90 -1.80 -10.15
CA SER A 117 -10.63 -1.66 -8.88
CA SER A 117 -10.67 -1.64 -8.90
C SER A 117 -9.81 -0.80 -7.92
C SER A 117 -9.84 -0.83 -7.90
N LYS A 118 -10.47 0.09 -7.17
CA LYS A 118 -9.77 0.97 -6.21
C LYS A 118 -9.86 0.39 -4.81
N THR A 119 -8.73 0.40 -4.11
CA THR A 119 -8.67 0.07 -2.67
C THR A 119 -8.28 1.34 -1.95
N ILE A 120 -8.87 1.61 -0.79
CA ILE A 120 -8.39 2.72 0.06
C ILE A 120 -8.24 2.21 1.48
N ILE A 121 -7.06 2.45 2.02
CA ILE A 121 -6.74 2.14 3.43
C ILE A 121 -6.73 3.45 4.20
N LYS A 122 -7.72 3.64 5.04
CA LYS A 122 -8.01 4.97 5.63
C LYS A 122 -7.10 5.26 6.82
N LYS A 123 -7.09 6.52 7.24
CA LYS A 123 -6.08 7.09 8.16
C LYS A 123 -5.94 6.21 9.40
N GLY A 124 -4.69 5.88 9.76
CA GLY A 124 -4.39 5.22 11.03
C GLY A 124 -4.66 3.73 11.03
N ALA A 125 -5.22 3.17 9.98
CA ALA A 125 -5.49 1.72 9.91
C ALA A 125 -4.16 0.96 9.94
N SER A 126 -4.21 -0.29 10.36
CA SER A 126 -3.06 -1.20 10.37
C SER A 126 -3.45 -2.52 9.72
N ILE A 127 -2.61 -3.02 8.82
CA ILE A 127 -2.84 -4.33 8.16
C ILE A 127 -1.77 -5.29 8.62
N GLY A 128 -2.18 -6.36 9.28
CA GLY A 128 -1.26 -7.39 9.76
C GLY A 128 -0.48 -8.07 8.64
N ALA A 129 0.69 -8.59 9.01
CA ALA A 129 1.64 -9.29 8.13
C ALA A 129 0.92 -10.34 7.28
N ASN A 130 1.21 -10.37 5.99
CA ASN A 130 0.84 -11.49 5.08
C ASN A 130 -0.67 -11.54 4.92
N ALA A 131 -1.41 -10.48 5.27
CA ALA A 131 -2.83 -10.37 4.91
C ALA A 131 -2.98 -10.24 3.40
N THR A 132 -4.15 -10.60 2.89
CA THR A 132 -4.49 -10.48 1.46
C THR A 132 -5.75 -9.64 1.33
N ILE A 133 -5.69 -8.54 0.59
CA ILE A 133 -6.80 -7.58 0.41
C ILE A 133 -7.35 -7.77 -1.01
N LEU A 134 -8.62 -8.15 -1.11
N LEU A 134 -8.62 -8.14 -1.11
CA LEU A 134 -9.29 -8.33 -2.43
CA LEU A 134 -9.32 -8.30 -2.40
C LEU A 134 -9.52 -6.96 -3.06
C LEU A 134 -9.50 -6.94 -3.07
N PRO A 135 -9.91 -6.91 -4.35
CA PRO A 135 -10.07 -5.64 -5.04
C PRO A 135 -11.28 -4.83 -4.54
N GLY A 136 -11.17 -3.52 -4.63
CA GLY A 136 -12.30 -2.61 -4.41
C GLY A 136 -12.58 -2.40 -2.93
N ILE A 137 -11.63 -2.74 -2.07
CA ILE A 137 -11.87 -2.78 -0.60
C ILE A 137 -11.58 -1.42 0.05
N THR A 138 -12.44 -1.04 1.00
CA THR A 138 -12.17 0.06 1.95
C THR A 138 -11.90 -0.52 3.33
N ILE A 139 -10.75 -0.17 3.91
CA ILE A 139 -10.48 -0.47 5.33
CA ILE A 139 -10.44 -0.46 5.33
C ILE A 139 -10.55 0.84 6.11
N GLY A 140 -11.47 0.89 7.08
CA GLY A 140 -11.81 2.13 7.76
C GLY A 140 -10.73 2.64 8.68
N GLU A 141 -10.84 3.90 9.04
CA GLU A 141 -9.87 4.60 9.92
CA GLU A 141 -9.89 4.61 9.93
C GLU A 141 -9.60 3.75 11.16
N ASN A 142 -8.31 3.59 11.49
CA ASN A 142 -7.87 2.95 12.75
C ASN A 142 -8.34 1.49 12.85
N ALA A 143 -8.78 0.85 11.76
CA ALA A 143 -9.06 -0.60 11.80
C ALA A 143 -7.75 -1.36 12.04
N MET A 144 -7.88 -2.61 12.46
CA MET A 144 -6.75 -3.52 12.69
C MET A 144 -7.07 -4.84 11.99
N ILE A 145 -6.28 -5.20 10.99
CA ILE A 145 -6.44 -6.48 10.24
C ILE A 145 -5.44 -7.48 10.81
N GLY A 146 -5.90 -8.65 11.23
CA GLY A 146 -5.04 -9.71 11.77
C GLY A 146 -4.05 -10.20 10.73
N ALA A 147 -2.87 -10.60 11.21
CA ALA A 147 -1.86 -11.26 10.37
C ALA A 147 -2.51 -12.42 9.62
N GLY A 148 -2.23 -12.53 8.32
CA GLY A 148 -2.66 -13.68 7.49
C GLY A 148 -4.14 -13.63 7.10
N ALA A 149 -4.88 -12.59 7.48
CA ALA A 149 -6.32 -12.49 7.13
C ALA A 149 -6.51 -12.41 5.62
N ILE A 150 -7.66 -12.87 5.15
CA ILE A 150 -8.16 -12.59 3.79
C ILE A 150 -9.34 -11.63 3.92
N VAL A 151 -9.20 -10.45 3.35
CA VAL A 151 -10.21 -9.37 3.50
C VAL A 151 -11.03 -9.31 2.21
N THR A 152 -12.22 -9.90 2.23
CA THR A 152 -13.07 -9.98 1.03
C THR A 152 -14.18 -8.93 1.06
N LYS A 153 -14.36 -8.28 2.20
CA LYS A 153 -15.39 -7.27 2.42
C LYS A 153 -14.77 -6.06 3.14
N ASP A 154 -15.36 -4.90 2.96
CA ASP A 154 -14.92 -3.67 3.66
C ASP A 154 -14.83 -3.96 5.16
N VAL A 155 -13.92 -3.30 5.83
CA VAL A 155 -13.78 -3.35 7.30
C VAL A 155 -14.12 -1.98 7.85
N LEU A 156 -15.03 -1.95 8.80
CA LEU A 156 -15.51 -0.68 9.38
C LEU A 156 -14.39 -0.01 10.15
N PRO A 157 -14.49 1.32 10.32
CA PRO A 157 -13.55 2.05 11.17
C PRO A 157 -13.42 1.41 12.55
N HIS A 158 -12.17 1.35 13.03
CA HIS A 158 -11.81 0.95 14.41
C HIS A 158 -12.08 -0.53 14.68
N VAL A 159 -12.47 -1.32 13.67
CA VAL A 159 -12.78 -2.76 13.85
C VAL A 159 -11.50 -3.58 13.74
N THR A 160 -11.39 -4.59 14.59
CA THR A 160 -10.38 -5.66 14.49
C THR A 160 -11.00 -6.84 13.72
N TYR A 161 -10.44 -7.16 12.56
CA TYR A 161 -10.91 -8.26 11.70
C TYR A 161 -9.77 -9.26 11.55
N TYR A 162 -10.07 -10.53 11.77
CA TYR A 162 -9.15 -11.60 11.33
C TYR A 162 -9.94 -12.81 10.87
N SER A 163 -9.28 -13.63 10.05
CA SER A 163 -9.83 -14.86 9.44
C SER A 163 -9.63 -15.98 10.48
N LYS A 164 -10.70 -16.40 11.15
CA LYS A 164 -10.63 -17.40 12.25
C LYS A 164 -10.07 -18.72 11.70
N ILE A 165 -9.21 -19.40 12.48
CA ILE A 165 -8.61 -20.72 12.12
C ILE A 165 -9.51 -21.83 12.66
O2B T3F B . 1.78 -7.62 -15.29
PB T3F B . 0.57 -7.21 -16.04
O1B T3F B . 0.20 -7.96 -17.30
O3B T3F B . -0.61 -7.07 -14.94
C1Q T3F B . -1.72 -6.19 -15.06
O5Q T3F B . -2.70 -6.79 -15.85
C5Q T3F B . -3.33 -7.96 -15.36
C6Q T3F B . -4.39 -8.41 -16.36
C2Q T3F B . -2.21 -5.93 -13.68
O2Q T3F B . -1.09 -5.51 -12.90
C3Q T3F B . -2.82 -7.19 -13.04
N3Q T3F B . -3.38 -6.86 -11.75
C4Q T3F B . -3.92 -7.72 -13.97
O4Q T3F B . -5.02 -6.83 -13.98
O3A T3F B . 0.75 -5.62 -16.35
PA T3F B . 1.52 -4.86 -17.58
O1A T3F B . 1.78 -5.72 -18.77
O2A T3F B . 0.77 -3.56 -17.78
O5' T3F B . 2.98 -4.57 -16.92
C5' T3F B . 3.07 -3.83 -15.73
C4' T3F B . 3.71 -4.67 -14.64
O4' T3F B . 5.07 -4.88 -15.05
C3' T3F B . 3.80 -3.93 -13.33
O3' T3F B . 2.63 -4.17 -12.57
C2' T3F B . 4.93 -4.74 -12.69
C1' T3F B . 5.87 -4.98 -13.89
N1 T3F B . 6.91 -3.92 -13.93
C2 T3F B . 7.97 -4.05 -13.02
O2 T3F B . 8.09 -5.00 -12.31
N3 T3F B . 8.88 -3.05 -12.97
C6 T3F B . 6.81 -2.82 -14.69
C5 T3F B . 7.77 -1.84 -14.66
C5M T3F B . 7.64 -0.56 -15.56
C4 T3F B . 8.82 -1.93 -13.76
O4 T3F B . 9.68 -1.08 -13.65
N1A CAO C . -11.11 -16.24 -0.25
C2A CAO C . -12.14 -16.51 0.60
N3A CAO C . -13.43 -16.20 0.35
C4A CAO C . -13.74 -15.58 -0.78
C5A CAO C . -12.70 -15.27 -1.75
C6A CAO C . -11.33 -15.61 -1.41
N6A CAO C . -10.39 -15.28 -2.29
N7A CAO C . -13.27 -14.62 -2.79
C8A CAO C . -14.63 -14.58 -2.51
N9A CAO C . -14.87 -15.12 -1.29
C1B CAO C . -16.18 -15.29 -0.62
C2B CAO C . -16.89 -13.97 -0.47
O2B CAO C . -16.53 -13.40 0.80
C3B CAO C . -18.35 -14.39 -0.54
O3B CAO C . -18.76 -14.84 0.74
P3B CAO C . -20.34 -14.69 1.19
O7A CAO C . -20.63 -13.25 1.03
O8A CAO C . -20.23 -15.29 2.53
O9A CAO C . -21.11 -15.44 0.11
C4B CAO C . -18.32 -15.61 -1.45
O4B CAO C . -16.99 -16.15 -1.41
C5B CAO C . -18.63 -15.32 -2.90
O5B CAO C . -17.92 -14.15 -3.28
P1A CAO C . -17.97 -13.63 -4.79
O1A CAO C . -17.26 -12.30 -4.79
O2A CAO C . -19.38 -13.73 -5.32
O3A CAO C . -17.20 -14.71 -5.54
P2A CAO C . -16.84 -14.39 -7.06
O4A CAO C . -17.50 -13.15 -7.60
O5A CAO C . -16.94 -15.76 -7.47
O6A CAO C . -15.24 -13.98 -6.96
CBP CAO C . -12.98 -14.87 -6.74
CCP CAO C . -14.48 -15.09 -6.68
CDP CAO C . -12.52 -16.06 -5.92
CEP CAO C . -12.58 -15.01 -8.19
CAP CAO C . -12.38 -13.54 -6.22
OAP CAO C . -12.92 -13.16 -4.97
C9P CAO C . -10.87 -13.59 -6.09
O9P CAO C . -10.29 -14.11 -5.14
N8P CAO C . -10.21 -13.09 -7.13
C7P CAO C . -8.76 -13.03 -7.27
C6P CAO C . -8.24 -11.60 -7.14
C5P CAO C . -6.75 -11.61 -7.36
O5P CAO C . -6.02 -12.25 -6.60
N4P CAO C . -6.34 -10.91 -8.40
C3P CAO C . -4.98 -10.98 -8.88
C2P CAO C . -4.22 -9.89 -8.29
S1P CAO C . -4.75 -8.42 -9.10
O1P CAO C . -4.37 -8.80 -10.69
O1P CAO C . -3.71 -7.31 -8.48
C1 EDO D . -5.65 5.37 -6.95
O1 EDO D . -7.05 5.30 -6.72
C2 EDO D . -4.92 6.33 -6.09
O2 EDO D . -4.87 7.63 -6.62
C1 EDO E . -5.93 11.40 5.20
O1 EDO E . -4.70 10.93 4.78
C2 EDO E . -5.85 12.63 6.03
O2 EDO E . -5.18 13.69 5.38
C1 EDO F . -12.54 -10.93 14.18
O1 EDO F . -13.06 -10.75 12.88
C2 EDO F . -13.55 -11.42 15.15
O2 EDO F . -14.12 -12.66 14.75
NA NA G . 2.87 -14.12 1.31
#